data_6Q38
#
_entry.id   6Q38
#
_cell.length_a   60.887
_cell.length_b   127.752
_cell.length_c   54.499
_cell.angle_alpha   90.000
_cell.angle_beta   90.000
_cell.angle_gamma   90.000
#
_symmetry.space_group_name_H-M   'P 21 21 2'
#
loop_
_entity.id
_entity.type
_entity.pdbx_description
1 polymer 'Casein kinase II subunit alpha'
2 polymer 'Stapled Peptide'
3 non-polymer 'BENZOIC ACID'
4 non-polymer '3,5-bis(1-methyl-1,2,3-triazol-4-yl)benzoic acid'
5 water water
#
loop_
_entity_poly.entity_id
_entity_poly.type
_entity_poly.pdbx_seq_one_letter_code
_entity_poly.pdbx_strand_id
1 'polypeptide(L)'
;GPVPSRARVYTDVNTHRPSEYWDYESHVVEWGNQDDYQLVRKLGRGKYSEVFEAINITNNEKVVVKILKPVKKKKIKREI
KILENLRGGPNIITLADIVKDPVSRTPALVFEHVNNTDFKQLYQTLTDYDIRFYMYEILKALDYCHSMGIMHRDVKPHNV
MIDHEHRKLRLIDWGLAEFYHPGQEYNVRVASRYFKGPELLVDYQMYDYSLDMWSLGCMLASMIFRKEPFFHGHDNYDQL
VRIAKVLGTEDLYDYIDKYNIELDPRFNDILGRHSRKRWERFVHSENQHLVSPEALDFLDKLLRYDHQSRLTAREAMEHP
YFYTVVK
;
A
2 'polypeptide(L)' (ACE)GGRLYGFKIHGGG(NH2) B
#
loop_
_chem_comp.id
_chem_comp.type
_chem_comp.name
_chem_comp.formula
A1H27 non-polymer '3,5-bis(1-methyl-1,2,3-triazol-4-yl)benzoic acid' 'C13 H12 N6 O2'
ACE non-polymer 'ACETYL GROUP' 'C2 H4 O'
BEZ non-polymer 'BENZOIC ACID' 'C7 H6 O2'
NH2 non-polymer 'AMINO GROUP' 'H2 N'
#
# COMPACT_ATOMS: atom_id res chain seq x y z
N GLY A 1 16.35 -7.11 24.77
CA GLY A 1 15.62 -6.39 23.73
C GLY A 1 15.13 -7.27 22.59
N PRO A 2 14.30 -6.74 21.66
CA PRO A 2 13.83 -7.59 20.54
C PRO A 2 14.96 -8.04 19.62
N VAL A 3 14.86 -9.28 19.11
CA VAL A 3 15.85 -9.89 18.21
C VAL A 3 15.93 -9.01 16.94
N PRO A 4 17.15 -8.62 16.46
CA PRO A 4 17.23 -7.78 15.24
C PRO A 4 16.75 -8.52 14.00
N SER A 5 16.42 -7.77 12.96
CA SER A 5 15.94 -8.33 11.70
C SER A 5 16.37 -7.46 10.55
N ARG A 6 16.63 -8.13 9.41
CA ARG A 6 16.99 -7.51 8.13
C ARG A 6 16.07 -8.09 7.05
N ALA A 7 15.69 -7.25 6.09
CA ALA A 7 14.93 -7.72 4.95
C ALA A 7 15.75 -8.82 4.27
N ARG A 8 15.07 -9.91 3.85
CA ARG A 8 15.77 -11.02 3.16
C ARG A 8 16.30 -10.66 1.79
N VAL A 9 15.67 -9.68 1.13
CA VAL A 9 16.02 -9.22 -0.22
C VAL A 9 16.15 -7.68 -0.21
N TYR A 10 16.84 -7.10 -1.21
CA TYR A 10 17.00 -5.63 -1.39
C TYR A 10 17.45 -4.93 -0.09
N THR A 11 18.23 -5.65 0.71
CA THR A 11 18.63 -5.21 2.05
C THR A 11 19.43 -3.91 2.08
N ASP A 12 20.49 -3.86 1.25
CA ASP A 12 21.46 -2.77 1.20
C ASP A 12 21.32 -1.83 0.00
N VAL A 13 20.14 -1.75 -0.61
CA VAL A 13 20.01 -0.85 -1.80
C VAL A 13 20.30 0.60 -1.41
N ASN A 14 19.75 1.08 -0.28
CA ASN A 14 20.02 2.44 0.18
C ASN A 14 21.42 2.58 0.71
N THR A 15 21.99 1.49 1.26
CA THR A 15 23.32 1.51 1.86
C THR A 15 24.41 1.81 0.80
N HIS A 16 24.24 1.29 -0.41
CA HIS A 16 25.26 1.48 -1.44
C HIS A 16 24.88 2.57 -2.43
N ARG A 17 23.83 3.35 -2.06
CA ARG A 17 23.38 4.48 -2.85
C ARG A 17 23.79 5.80 -2.21
N PRO A 18 24.06 6.87 -3.01
CA PRO A 18 24.46 8.16 -2.40
C PRO A 18 23.32 8.82 -1.63
N SER A 19 23.67 9.68 -0.68
CA SER A 19 22.68 10.34 0.19
C SER A 19 21.65 11.16 -0.57
N GLU A 20 22.00 11.63 -1.77
CA GLU A 20 21.02 12.40 -2.57
C GLU A 20 19.80 11.53 -2.86
N TYR A 21 20.00 10.21 -3.00
CA TYR A 21 18.89 9.29 -3.31
C TYR A 21 17.82 9.19 -2.19
N TRP A 22 18.24 8.90 -0.95
CA TRP A 22 17.37 8.63 0.17
C TRP A 22 17.23 9.77 1.20
N ASP A 23 18.02 10.84 1.04
CA ASP A 23 17.98 11.97 2.00
C ASP A 23 16.99 13.03 1.53
N TYR A 24 15.70 12.72 1.69
CA TYR A 24 14.59 13.55 1.26
C TYR A 24 14.54 14.93 1.90
N GLU A 25 15.05 15.08 3.14
CA GLU A 25 15.09 16.36 3.86
C GLU A 25 15.93 17.40 3.09
N SER A 26 16.91 16.91 2.32
CA SER A 26 17.82 17.75 1.52
C SER A 26 17.30 18.02 0.11
N HIS A 27 16.25 17.30 -0.34
CA HIS A 27 15.72 17.48 -1.69
C HIS A 27 15.18 18.88 -1.94
N VAL A 28 15.73 19.56 -2.96
CA VAL A 28 15.27 20.88 -3.38
C VAL A 28 14.15 20.61 -4.43
N VAL A 29 12.92 21.04 -4.12
CA VAL A 29 11.73 20.84 -4.97
C VAL A 29 11.71 21.83 -6.15
N GLU A 30 11.51 21.30 -7.37
CA GLU A 30 11.40 22.13 -8.58
C GLU A 30 9.92 22.42 -8.83
N TRP A 31 9.47 23.65 -8.49
CA TRP A 31 8.08 24.10 -8.60
C TRP A 31 7.71 24.53 -10.01
N GLY A 32 6.56 24.05 -10.48
CA GLY A 32 6.03 24.37 -11.79
C GLY A 32 5.06 25.53 -11.74
N ASN A 33 4.45 25.83 -12.90
CA ASN A 33 3.47 26.90 -13.04
C ASN A 33 2.08 26.37 -12.68
N GLN A 34 1.50 26.89 -11.58
CA GLN A 34 0.17 26.51 -11.09
C GLN A 34 -0.93 26.97 -12.07
N ASP A 35 -0.68 28.07 -12.81
CA ASP A 35 -1.61 28.64 -13.80
C ASP A 35 -1.91 27.71 -14.98
N ASP A 36 -1.08 26.65 -15.17
CA ASP A 36 -1.26 25.67 -16.24
C ASP A 36 -2.41 24.70 -15.92
N TYR A 37 -2.78 24.56 -14.63
CA TYR A 37 -3.79 23.61 -14.17
C TYR A 37 -5.05 24.27 -13.62
N GLN A 38 -6.21 23.73 -14.02
CA GLN A 38 -7.53 24.22 -13.60
C GLN A 38 -8.39 23.05 -13.10
N LEU A 39 -9.08 23.24 -11.95
CA LEU A 39 -9.89 22.19 -11.35
C LEU A 39 -11.14 21.86 -12.16
N VAL A 40 -11.41 20.56 -12.37
CA VAL A 40 -12.55 20.08 -13.19
C VAL A 40 -13.71 19.61 -12.28
N ARG A 41 -13.40 18.72 -11.30
CA ARG A 41 -14.33 18.20 -10.29
C ARG A 41 -13.61 17.50 -9.12
N LYS A 42 -14.29 17.40 -7.97
CA LYS A 42 -13.83 16.77 -6.74
C LYS A 42 -13.74 15.26 -6.92
N LEU A 43 -12.61 14.68 -6.50
CA LEU A 43 -12.41 13.24 -6.67
C LEU A 43 -12.46 12.47 -5.37
N GLY A 44 -12.18 13.15 -4.27
CA GLY A 44 -12.19 12.58 -2.93
C GLY A 44 -11.40 13.41 -1.94
N ARG A 45 -11.42 13.01 -0.66
CA ARG A 45 -10.71 13.70 0.41
C ARG A 45 -10.20 12.72 1.46
N GLY A 46 -9.07 13.06 2.08
CA GLY A 46 -8.45 12.20 3.11
C GLY A 46 -8.27 12.96 4.42
N LYS A 47 -7.21 12.64 5.16
CA LYS A 47 -6.92 13.29 6.47
C LYS A 47 -5.75 14.28 6.29
N TYR A 48 -5.23 14.37 5.07
CA TYR A 48 -4.08 15.29 4.78
C TYR A 48 -4.10 15.70 3.30
N SER A 49 -5.01 15.11 2.51
CA SER A 49 -5.10 15.46 1.09
C SER A 49 -6.53 15.70 0.55
N GLU A 50 -6.59 16.56 -0.50
CA GLU A 50 -7.82 16.87 -1.24
C GLU A 50 -7.50 16.56 -2.70
N VAL A 51 -8.15 15.53 -3.25
CA VAL A 51 -7.89 15.05 -4.61
C VAL A 51 -8.95 15.56 -5.59
N PHE A 52 -8.49 16.06 -6.76
CA PHE A 52 -9.35 16.61 -7.82
C PHE A 52 -8.97 16.10 -9.18
N GLU A 53 -9.96 16.08 -10.07
CA GLU A 53 -9.79 15.82 -11.49
C GLU A 53 -9.51 17.20 -12.07
N ALA A 54 -8.51 17.31 -12.95
CA ALA A 54 -8.10 18.59 -13.49
C ALA A 54 -7.67 18.56 -14.95
N ILE A 55 -7.42 19.74 -15.51
CA ILE A 55 -6.97 19.92 -16.87
C ILE A 55 -5.76 20.85 -16.93
N ASN A 56 -4.72 20.40 -17.66
CA ASN A 56 -3.55 21.19 -18.01
C ASN A 56 -4.06 21.95 -19.28
N ILE A 57 -4.13 23.30 -19.23
CA ILE A 57 -4.67 24.09 -20.35
C ILE A 57 -3.67 24.31 -21.50
N THR A 58 -2.36 24.06 -21.24
CA THR A 58 -1.29 24.22 -22.22
C THR A 58 -1.35 23.15 -23.33
N ASN A 59 -2.02 22.01 -23.04
CA ASN A 59 -2.17 20.88 -23.97
C ASN A 59 -3.55 20.20 -23.89
N ASN A 60 -4.44 20.68 -22.98
CA ASN A 60 -5.80 20.17 -22.74
C ASN A 60 -5.84 18.68 -22.30
N GLU A 61 -4.78 18.23 -21.59
CA GLU A 61 -4.67 16.86 -21.07
C GLU A 61 -5.27 16.76 -19.66
N LYS A 62 -5.96 15.63 -19.37
CA LYS A 62 -6.53 15.36 -18.05
C LYS A 62 -5.40 14.99 -17.09
N VAL A 63 -5.47 15.56 -15.86
CA VAL A 63 -4.50 15.32 -14.80
C VAL A 63 -5.29 15.17 -13.48
N VAL A 64 -4.61 14.76 -12.43
CA VAL A 64 -5.20 14.63 -11.11
C VAL A 64 -4.38 15.47 -10.15
N VAL A 65 -5.03 16.43 -9.48
CA VAL A 65 -4.34 17.32 -8.53
C VAL A 65 -4.59 16.85 -7.10
N LYS A 66 -3.55 16.71 -6.32
CA LYS A 66 -3.66 16.32 -4.92
C LYS A 66 -3.14 17.46 -4.08
N ILE A 67 -4.06 18.28 -3.52
CA ILE A 67 -3.66 19.41 -2.67
C ILE A 67 -3.31 18.86 -1.30
N LEU A 68 -2.09 19.14 -0.85
CA LEU A 68 -1.61 18.66 0.48
C LEU A 68 -2.08 19.64 1.57
N LYS A 69 -2.32 19.12 2.79
CA LYS A 69 -2.77 19.95 3.93
C LYS A 69 -1.57 20.35 4.79
N PRO A 70 -1.69 21.35 5.69
CA PRO A 70 -0.59 21.78 6.55
C PRO A 70 -0.49 20.92 7.82
N VAL A 71 -1.46 20.02 8.01
CA VAL A 71 -1.50 19.14 9.21
C VAL A 71 -0.15 18.44 9.35
N LYS A 72 0.26 17.67 8.32
CA LYS A 72 1.55 16.94 8.34
C LYS A 72 2.47 17.51 7.26
N LYS A 73 3.35 18.44 7.63
CA LYS A 73 4.30 19.07 6.67
C LYS A 73 5.66 18.35 6.76
N LYS A 74 6.64 18.84 6.00
CA LYS A 74 8.01 18.24 5.98
C LYS A 74 7.92 16.74 5.73
N LYS A 75 6.75 16.25 5.31
CA LYS A 75 6.55 14.82 5.02
C LYS A 75 6.14 14.81 3.52
N ILE A 76 5.98 16.04 3.00
CA ILE A 76 5.68 16.36 1.61
C ILE A 76 6.96 16.07 0.83
N LYS A 77 8.16 16.33 1.43
CA LYS A 77 9.41 16.06 0.75
C LYS A 77 9.67 14.56 0.58
N ARG A 78 9.27 13.74 1.57
CA ARG A 78 9.48 12.29 1.50
C ARG A 78 8.66 11.70 0.35
N GLU A 79 7.38 12.14 0.23
CA GLU A 79 6.46 11.71 -0.83
C GLU A 79 6.96 12.12 -2.21
N ILE A 80 7.31 13.42 -2.40
CA ILE A 80 7.87 13.99 -3.63
C ILE A 80 9.12 13.20 -4.05
N LYS A 81 10.12 13.09 -3.14
CA LYS A 81 11.35 12.37 -3.40
C LYS A 81 11.09 10.91 -3.82
N ILE A 82 10.23 10.18 -3.07
CA ILE A 82 9.88 8.77 -3.37
C ILE A 82 9.18 8.64 -4.79
N LEU A 83 8.23 9.55 -5.12
CA LEU A 83 7.58 9.55 -6.44
C LEU A 83 8.61 9.79 -7.57
N GLU A 84 9.55 10.72 -7.35
CA GLU A 84 10.55 11.03 -8.38
C GLU A 84 11.53 9.87 -8.55
N ASN A 85 11.89 9.16 -7.45
CA ASN A 85 12.79 8.00 -7.51
C ASN A 85 12.17 6.82 -8.23
N LEU A 86 10.86 6.64 -8.04
CA LEU A 86 10.08 5.53 -8.59
C LEU A 86 9.51 5.85 -9.96
N ARG A 87 9.65 7.09 -10.40
CA ARG A 87 9.12 7.52 -11.70
C ARG A 87 9.57 6.58 -12.83
N GLY A 88 8.60 6.10 -13.63
CA GLY A 88 8.92 5.21 -14.75
C GLY A 88 8.85 3.73 -14.43
N GLY A 89 8.68 3.39 -13.14
CA GLY A 89 8.56 2.01 -12.68
C GLY A 89 7.23 1.38 -13.10
N PRO A 90 7.17 0.03 -13.24
CA PRO A 90 5.94 -0.62 -13.73
C PRO A 90 4.81 -0.44 -12.73
N ASN A 91 3.67 0.06 -13.24
CA ASN A 91 2.44 0.30 -12.51
C ASN A 91 2.60 1.30 -11.33
N ILE A 92 3.59 2.22 -11.40
CA ILE A 92 3.75 3.25 -10.36
C ILE A 92 3.11 4.51 -10.95
N ILE A 93 2.23 5.18 -10.19
CA ILE A 93 1.63 6.43 -10.59
C ILE A 93 2.73 7.46 -11.01
N THR A 94 2.46 8.19 -12.09
CA THR A 94 3.43 9.16 -12.60
C THR A 94 3.20 10.55 -12.03
N LEU A 95 4.15 11.07 -11.29
CA LEU A 95 4.11 12.46 -10.81
C LEU A 95 4.49 13.29 -12.05
N ALA A 96 3.60 14.14 -12.53
CA ALA A 96 3.83 14.95 -13.73
C ALA A 96 4.35 16.35 -13.43
N ASP A 97 3.99 16.93 -12.25
CA ASP A 97 4.38 18.29 -11.83
C ASP A 97 4.15 18.52 -10.33
N ILE A 98 4.76 19.59 -9.78
CA ILE A 98 4.60 20.00 -8.37
C ILE A 98 4.36 21.50 -8.43
N VAL A 99 3.26 21.95 -7.83
CA VAL A 99 2.88 23.36 -7.88
C VAL A 99 2.55 23.86 -6.48
N LYS A 100 2.51 25.18 -6.29
CA LYS A 100 2.26 25.81 -4.99
C LYS A 100 1.44 27.08 -5.16
N ASP A 101 0.46 27.29 -4.27
CA ASP A 101 -0.36 28.49 -4.27
C ASP A 101 0.52 29.66 -3.77
N PRO A 102 0.72 30.72 -4.60
CA PRO A 102 1.57 31.84 -4.15
C PRO A 102 1.10 32.56 -2.87
N VAL A 103 -0.23 32.62 -2.63
CA VAL A 103 -0.79 33.29 -1.44
C VAL A 103 -0.75 32.36 -0.19
N SER A 104 -1.51 31.24 -0.18
CA SER A 104 -1.59 30.31 0.96
C SER A 104 -0.38 29.40 1.17
N ARG A 105 0.56 29.32 0.18
CA ARG A 105 1.76 28.48 0.21
C ARG A 105 1.44 26.96 0.21
N THR A 106 0.13 26.60 0.07
CA THR A 106 -0.34 25.20 0.05
C THR A 106 0.15 24.46 -1.20
N PRO A 107 0.96 23.39 -1.03
CA PRO A 107 1.47 22.66 -2.20
C PRO A 107 0.49 21.64 -2.76
N ALA A 108 0.62 21.34 -4.06
CA ALA A 108 -0.22 20.37 -4.78
C ALA A 108 0.61 19.54 -5.74
N LEU A 109 0.33 18.24 -5.78
CA LEU A 109 1.00 17.31 -6.67
C LEU A 109 0.09 17.07 -7.84
N VAL A 110 0.64 17.13 -9.07
CA VAL A 110 -0.11 16.90 -10.30
C VAL A 110 0.35 15.58 -10.87
N PHE A 111 -0.58 14.62 -10.93
CA PHE A 111 -0.32 13.27 -11.40
C PHE A 111 -0.88 13.05 -12.77
N GLU A 112 -0.44 11.96 -13.41
CA GLU A 112 -0.99 11.51 -14.68
C GLU A 112 -2.47 11.13 -14.39
N HIS A 113 -3.37 11.33 -15.33
CA HIS A 113 -4.74 10.92 -15.05
C HIS A 113 -4.86 9.40 -15.23
N VAL A 114 -5.66 8.77 -14.36
CA VAL A 114 -6.05 7.36 -14.38
C VAL A 114 -7.54 7.42 -14.04
N ASN A 115 -8.30 6.45 -14.56
CA ASN A 115 -9.76 6.39 -14.32
C ASN A 115 -9.95 6.27 -12.81
N ASN A 116 -10.88 7.06 -12.26
CA ASN A 116 -11.08 7.10 -10.79
C ASN A 116 -11.86 5.85 -10.40
N THR A 117 -11.20 4.71 -10.53
CA THR A 117 -11.77 3.38 -10.21
C THR A 117 -10.84 2.67 -9.21
N ASP A 118 -11.31 2.52 -7.97
CA ASP A 118 -10.62 1.78 -6.92
C ASP A 118 -10.81 0.29 -7.20
N PHE A 119 -9.93 -0.53 -6.63
CA PHE A 119 -10.00 -2.01 -6.76
C PHE A 119 -11.30 -2.53 -6.13
N LYS A 120 -11.67 -1.98 -4.97
CA LYS A 120 -12.89 -2.35 -4.22
C LYS A 120 -14.11 -2.47 -5.15
N GLN A 121 -14.32 -1.43 -5.98
CA GLN A 121 -15.42 -1.29 -6.93
C GLN A 121 -15.50 -2.42 -7.97
N LEU A 122 -14.34 -3.01 -8.35
CA LEU A 122 -14.27 -4.09 -9.33
C LEU A 122 -14.30 -5.48 -8.75
N TYR A 123 -13.73 -5.69 -7.57
CA TYR A 123 -13.56 -7.08 -7.05
C TYR A 123 -14.91 -7.79 -7.01
N GLN A 124 -15.96 -7.06 -6.63
CA GLN A 124 -17.32 -7.60 -6.54
C GLN A 124 -17.76 -8.29 -7.86
N THR A 125 -17.14 -7.89 -8.97
CA THR A 125 -17.48 -8.45 -10.32
C THR A 125 -16.31 -9.22 -10.95
N LEU A 126 -15.10 -9.15 -10.38
CA LEU A 126 -13.96 -9.84 -10.99
C LEU A 126 -14.03 -11.36 -10.88
N THR A 127 -13.59 -12.02 -11.95
CA THR A 127 -13.55 -13.48 -12.06
C THR A 127 -12.20 -13.93 -11.57
N ASP A 128 -12.00 -15.23 -11.43
CA ASP A 128 -10.73 -15.81 -10.99
C ASP A 128 -9.55 -15.28 -11.85
N TYR A 129 -9.73 -15.20 -13.18
CA TYR A 129 -8.66 -14.77 -14.08
C TYR A 129 -8.22 -13.32 -13.89
N ASP A 130 -9.17 -12.42 -13.61
CA ASP A 130 -8.82 -11.03 -13.40
C ASP A 130 -8.26 -10.78 -12.04
N ILE A 131 -8.60 -11.63 -11.05
CA ILE A 131 -8.01 -11.47 -9.71
C ILE A 131 -6.50 -11.78 -9.84
N ARG A 132 -6.17 -12.88 -10.54
CA ARG A 132 -4.77 -13.28 -10.78
C ARG A 132 -4.01 -12.21 -11.56
N PHE A 133 -4.62 -11.68 -12.64
CA PHE A 133 -4.01 -10.69 -13.54
C PHE A 133 -3.62 -9.41 -12.79
N TYR A 134 -4.58 -8.82 -12.06
CA TYR A 134 -4.37 -7.57 -11.28
C TYR A 134 -3.43 -7.76 -10.07
N MET A 135 -3.50 -8.91 -9.41
CA MET A 135 -2.62 -9.25 -8.31
C MET A 135 -1.19 -9.30 -8.82
N TYR A 136 -0.96 -9.85 -10.02
CA TYR A 136 0.35 -9.89 -10.62
C TYR A 136 0.87 -8.47 -10.93
N GLU A 137 -0.02 -7.58 -11.46
CA GLU A 137 0.29 -6.18 -11.77
C GLU A 137 0.67 -5.41 -10.48
N ILE A 138 0.00 -5.73 -9.35
CA ILE A 138 0.31 -5.07 -8.08
C ILE A 138 1.72 -5.51 -7.65
N LEU A 139 2.02 -6.81 -7.77
CA LEU A 139 3.33 -7.38 -7.47
C LEU A 139 4.46 -6.77 -8.30
N LYS A 140 4.18 -6.35 -9.55
CA LYS A 140 5.21 -5.69 -10.38
C LYS A 140 5.60 -4.38 -9.73
N ALA A 141 4.57 -3.58 -9.28
CA ALA A 141 4.80 -2.31 -8.58
C ALA A 141 5.58 -2.48 -7.28
N LEU A 142 5.20 -3.50 -6.48
CA LEU A 142 5.82 -3.76 -5.16
C LEU A 142 7.25 -4.27 -5.35
N ASP A 143 7.49 -5.15 -6.36
CA ASP A 143 8.87 -5.60 -6.57
C ASP A 143 9.70 -4.43 -7.02
N TYR A 144 9.14 -3.56 -7.90
CA TYR A 144 9.88 -2.38 -8.30
C TYR A 144 10.22 -1.46 -7.12
N CYS A 145 9.24 -1.02 -6.32
CA CYS A 145 9.54 -0.08 -5.25
C CYS A 145 10.41 -0.68 -4.17
N HIS A 146 10.27 -1.99 -3.89
CA HIS A 146 11.18 -2.64 -2.92
C HIS A 146 12.62 -2.73 -3.47
N SER A 147 12.75 -3.01 -4.78
CA SER A 147 14.06 -3.07 -5.42
C SER A 147 14.72 -1.72 -5.38
N MET A 148 13.88 -0.64 -5.25
CA MET A 148 14.39 0.72 -5.19
C MET A 148 14.54 1.19 -3.76
N GLY A 149 14.47 0.25 -2.81
CA GLY A 149 14.71 0.53 -1.38
C GLY A 149 13.56 1.24 -0.70
N ILE A 150 12.32 1.03 -1.21
CA ILE A 150 11.15 1.74 -0.66
C ILE A 150 10.05 0.77 -0.25
N MET A 151 9.49 1.02 0.96
CA MET A 151 8.31 0.31 1.49
C MET A 151 7.12 1.25 1.25
N HIS A 152 5.99 0.75 0.65
CA HIS A 152 4.81 1.60 0.43
C HIS A 152 4.12 1.89 1.79
N ARG A 153 3.96 0.86 2.63
CA ARG A 153 3.36 0.90 3.97
C ARG A 153 1.89 1.29 4.00
N ASP A 154 1.21 1.24 2.86
CA ASP A 154 -0.24 1.56 2.85
C ASP A 154 -0.93 0.83 1.73
N VAL A 155 -0.58 -0.45 1.58
CA VAL A 155 -1.22 -1.27 0.53
C VAL A 155 -2.64 -1.60 0.97
N LYS A 156 -3.62 -1.23 0.14
CA LYS A 156 -5.05 -1.41 0.38
C LYS A 156 -5.81 -1.15 -0.91
N PRO A 157 -7.07 -1.66 -1.08
CA PRO A 157 -7.81 -1.47 -2.37
C PRO A 157 -7.96 -0.02 -2.83
N HIS A 158 -8.12 0.88 -1.89
CA HIS A 158 -8.23 2.32 -2.11
C HIS A 158 -6.99 2.91 -2.79
N ASN A 159 -5.80 2.29 -2.58
CA ASN A 159 -4.56 2.79 -3.13
C ASN A 159 -4.14 2.10 -4.44
N VAL A 160 -5.08 1.40 -5.05
CA VAL A 160 -4.91 0.74 -6.34
C VAL A 160 -5.96 1.29 -7.27
N MET A 161 -5.51 1.94 -8.35
CA MET A 161 -6.38 2.56 -9.35
C MET A 161 -6.38 1.69 -10.57
N ILE A 162 -7.56 1.31 -11.06
CA ILE A 162 -7.62 0.42 -12.23
C ILE A 162 -8.47 1.03 -13.31
N ASP A 163 -8.01 0.99 -14.57
CA ASP A 163 -8.85 1.35 -15.71
C ASP A 163 -9.10 -0.04 -16.36
N HIS A 164 -10.26 -0.67 -16.06
CA HIS A 164 -10.59 -2.04 -16.49
C HIS A 164 -10.69 -2.21 -18.02
N GLU A 165 -11.23 -1.17 -18.72
CA GLU A 165 -11.31 -1.21 -20.21
C GLU A 165 -9.92 -1.32 -20.82
N HIS A 166 -8.86 -0.87 -20.11
CA HIS A 166 -7.50 -0.98 -20.66
C HIS A 166 -6.64 -1.94 -19.88
N ARG A 167 -7.27 -2.58 -18.88
CA ARG A 167 -6.67 -3.50 -17.91
C ARG A 167 -5.33 -2.93 -17.41
N LYS A 168 -5.37 -1.63 -17.05
CA LYS A 168 -4.26 -0.78 -16.66
C LYS A 168 -4.37 -0.47 -15.15
N LEU A 169 -3.30 -0.68 -14.41
CA LEU A 169 -3.32 -0.51 -12.95
C LEU A 169 -2.20 0.40 -12.49
N ARG A 170 -2.45 1.18 -11.42
CA ARG A 170 -1.42 2.04 -10.81
C ARG A 170 -1.51 1.95 -9.32
N LEU A 171 -0.35 1.85 -8.69
CA LEU A 171 -0.25 1.89 -7.22
C LEU A 171 0.02 3.36 -6.88
N ILE A 172 -0.87 3.93 -6.06
CA ILE A 172 -0.91 5.35 -5.71
C ILE A 172 -0.68 5.57 -4.24
N ASP A 173 -0.77 6.85 -3.83
CA ASP A 173 -0.69 7.39 -2.50
C ASP A 173 0.58 6.95 -1.78
N TRP A 174 1.67 7.57 -2.15
CA TRP A 174 2.99 7.24 -1.57
C TRP A 174 3.31 8.11 -0.35
N GLY A 175 2.25 8.67 0.25
CA GLY A 175 2.33 9.53 1.43
C GLY A 175 2.79 8.86 2.70
N LEU A 176 2.60 7.52 2.83
CA LEU A 176 3.11 6.77 3.99
C LEU A 176 4.40 6.00 3.68
N ALA A 177 4.86 6.05 2.41
CA ALA A 177 6.05 5.35 1.98
C ALA A 177 7.32 5.81 2.68
N GLU A 178 8.31 4.91 2.83
CA GLU A 178 9.55 5.24 3.49
C GLU A 178 10.73 4.40 2.94
N PHE A 179 11.95 4.95 3.10
CA PHE A 179 13.22 4.35 2.68
C PHE A 179 13.64 3.26 3.67
N TYR A 180 13.93 2.08 3.18
CA TYR A 180 14.41 0.96 3.99
C TYR A 180 15.94 1.07 4.31
N HIS A 181 16.26 1.18 5.60
CA HIS A 181 17.65 1.25 6.10
C HIS A 181 17.78 0.08 7.06
N PRO A 182 18.54 -0.97 6.72
CA PRO A 182 18.58 -2.14 7.60
C PRO A 182 19.00 -1.78 9.02
N GLY A 183 18.22 -2.23 10.00
CA GLY A 183 18.43 -1.92 11.41
C GLY A 183 17.53 -0.83 11.94
N GLN A 184 16.83 -0.07 11.06
CA GLN A 184 15.95 1.02 11.53
C GLN A 184 14.76 0.55 12.35
N GLU A 185 14.48 1.22 13.48
CA GLU A 185 13.31 0.93 14.27
C GLU A 185 12.32 1.98 13.81
N TYR A 186 11.35 1.58 12.97
CA TYR A 186 10.37 2.47 12.42
C TYR A 186 9.18 2.69 13.34
N ASN A 187 8.41 3.74 13.06
CA ASN A 187 7.13 4.03 13.73
C ASN A 187 6.14 2.96 13.23
N VAL A 188 5.45 2.30 14.16
CA VAL A 188 4.47 1.27 13.80
C VAL A 188 3.10 1.83 13.44
N ARG A 189 2.88 3.16 13.60
CA ARG A 189 1.60 3.80 13.33
C ARG A 189 1.54 4.15 11.83
N VAL A 190 1.45 3.10 11.01
CA VAL A 190 1.41 3.19 9.54
C VAL A 190 0.34 2.24 9.04
N ALA A 191 0.01 2.40 7.76
CA ALA A 191 -0.97 1.56 7.02
C ALA A 191 -2.37 1.87 7.52
N SER A 192 -3.32 1.03 7.13
N SER A 192 -3.35 1.05 7.08
CA SER A 192 -4.70 1.21 7.56
CA SER A 192 -4.73 1.18 7.52
C SER A 192 -5.05 0.02 8.43
C SER A 192 -5.00 0.02 8.47
N ARG A 193 -5.74 0.25 9.58
CA ARG A 193 -6.08 -0.78 10.61
C ARG A 193 -6.26 -2.22 10.08
N TYR A 194 -7.14 -2.39 9.08
CA TYR A 194 -7.48 -3.71 8.59
C TYR A 194 -6.36 -4.39 7.81
N PHE A 195 -5.38 -3.62 7.35
CA PHE A 195 -4.22 -4.06 6.55
C PHE A 195 -2.86 -4.06 7.32
N LYS A 196 -2.90 -3.72 8.63
CA LYS A 196 -1.67 -3.70 9.45
C LYS A 196 -1.18 -5.10 9.71
N GLY A 197 0.12 -5.33 9.49
CA GLY A 197 0.75 -6.62 9.77
C GLY A 197 0.89 -6.88 11.27
N PRO A 198 1.01 -8.16 11.68
CA PRO A 198 1.22 -8.47 13.10
C PRO A 198 2.37 -7.69 13.75
N GLU A 199 3.45 -7.38 12.99
CA GLU A 199 4.63 -6.64 13.48
C GLU A 199 4.24 -5.25 14.02
N LEU A 200 3.31 -4.55 13.32
CA LEU A 200 2.79 -3.25 13.72
C LEU A 200 1.98 -3.37 15.00
N LEU A 201 1.20 -4.42 15.09
CA LEU A 201 0.27 -4.68 16.18
C LEU A 201 0.97 -5.06 17.46
N VAL A 202 2.13 -5.72 17.39
CA VAL A 202 2.92 -6.08 18.58
C VAL A 202 4.02 -5.05 18.87
N ASP A 203 4.05 -3.95 18.08
CA ASP A 203 5.07 -2.89 18.20
C ASP A 203 6.48 -3.43 17.96
N TYR A 204 6.66 -4.23 16.91
CA TYR A 204 7.97 -4.71 16.47
C TYR A 204 8.43 -3.69 15.41
N GLN A 205 9.36 -2.81 15.80
CA GLN A 205 9.70 -1.67 14.96
C GLN A 205 10.66 -1.93 13.80
N MET A 206 11.43 -3.03 13.87
CA MET A 206 12.46 -3.34 12.85
C MET A 206 11.91 -4.17 11.66
N TYR A 207 10.78 -3.68 11.13
CA TYR A 207 10.09 -4.28 10.00
C TYR A 207 10.67 -3.83 8.67
N ASP A 208 10.18 -4.41 7.59
CA ASP A 208 10.73 -4.11 6.27
C ASP A 208 9.66 -4.23 5.19
N TYR A 209 10.11 -4.42 3.96
CA TYR A 209 9.26 -4.58 2.79
C TYR A 209 8.13 -5.59 2.96
N SER A 210 8.41 -6.69 3.68
CA SER A 210 7.48 -7.79 3.95
C SER A 210 6.16 -7.33 4.60
N LEU A 211 6.14 -6.10 5.18
CA LEU A 211 4.92 -5.49 5.74
C LEU A 211 3.87 -5.35 4.60
N ASP A 212 4.32 -4.86 3.42
CA ASP A 212 3.51 -4.74 2.23
C ASP A 212 2.96 -6.08 1.76
N MET A 213 3.67 -7.18 2.05
CA MET A 213 3.20 -8.49 1.57
C MET A 213 2.08 -9.02 2.45
N TRP A 214 2.05 -8.62 3.74
CA TRP A 214 0.96 -8.95 4.64
C TRP A 214 -0.31 -8.22 4.14
N SER A 215 -0.21 -6.89 3.89
CA SER A 215 -1.30 -6.04 3.39
C SER A 215 -1.87 -6.59 2.10
N LEU A 216 -1.01 -7.12 1.26
CA LEU A 216 -1.40 -7.73 -0.03
C LEU A 216 -2.19 -9.02 0.18
N GLY A 217 -1.78 -9.83 1.16
CA GLY A 217 -2.46 -11.05 1.54
C GLY A 217 -3.85 -10.74 2.07
N CYS A 218 -3.97 -9.64 2.85
CA CYS A 218 -5.27 -9.15 3.36
C CYS A 218 -6.25 -8.84 2.23
N MET A 219 -5.75 -8.17 1.18
CA MET A 219 -6.51 -7.86 -0.04
C MET A 219 -6.87 -9.13 -0.78
N LEU A 220 -5.91 -10.09 -0.95
CA LEU A 220 -6.22 -11.35 -1.64
C LEU A 220 -7.36 -12.13 -0.94
N ALA A 221 -7.28 -12.23 0.39
CA ALA A 221 -8.25 -12.92 1.22
C ALA A 221 -9.61 -12.30 1.00
N SER A 222 -9.67 -10.96 1.00
CA SER A 222 -10.90 -10.18 0.83
C SER A 222 -11.52 -10.43 -0.56
N MET A 223 -10.68 -10.52 -1.57
CA MET A 223 -11.13 -10.75 -2.94
C MET A 223 -11.59 -12.18 -3.20
N ILE A 224 -10.76 -13.19 -2.86
CA ILE A 224 -11.12 -14.60 -3.16
C ILE A 224 -12.29 -15.09 -2.28
N PHE A 225 -12.44 -14.56 -1.03
CA PHE A 225 -13.53 -15.03 -0.17
C PHE A 225 -14.74 -14.13 -0.11
N ARG A 226 -14.66 -12.93 -0.73
CA ARG A 226 -15.75 -11.94 -0.70
C ARG A 226 -16.10 -11.51 0.75
N LYS A 227 -15.06 -11.29 1.56
CA LYS A 227 -15.22 -10.85 2.95
C LYS A 227 -14.44 -9.52 3.06
N GLU A 228 -15.16 -8.40 3.15
CA GLU A 228 -14.58 -7.05 3.22
C GLU A 228 -14.80 -6.32 4.55
N PRO A 229 -13.75 -6.07 5.35
CA PRO A 229 -12.36 -6.56 5.19
C PRO A 229 -12.25 -8.00 5.74
N PHE A 230 -11.17 -8.70 5.42
CA PHE A 230 -10.94 -10.05 5.92
C PHE A 230 -10.74 -10.11 7.45
N PHE A 231 -9.90 -9.21 8.04
CA PHE A 231 -9.66 -9.12 9.48
C PHE A 231 -10.30 -7.79 9.95
N HIS A 232 -11.51 -7.86 10.56
CA HIS A 232 -12.29 -6.68 10.98
C HIS A 232 -12.15 -6.35 12.48
N GLY A 233 -10.99 -5.86 12.95
CA GLY A 233 -10.82 -5.53 14.36
C GLY A 233 -11.44 -4.21 14.79
N HIS A 234 -11.85 -4.07 16.05
CA HIS A 234 -12.44 -2.78 16.43
C HIS A 234 -11.39 -1.72 16.81
N ASP A 235 -10.10 -2.11 16.91
CA ASP A 235 -8.96 -1.23 17.29
C ASP A 235 -7.70 -2.01 16.99
N ASN A 236 -6.48 -1.45 17.24
CA ASN A 236 -5.23 -2.18 16.93
C ASN A 236 -5.06 -3.46 17.76
N TYR A 237 -5.60 -3.45 19.00
CA TYR A 237 -5.52 -4.59 19.91
C TYR A 237 -6.38 -5.76 19.42
N ASP A 238 -7.66 -5.49 19.11
CA ASP A 238 -8.64 -6.45 18.61
C ASP A 238 -8.29 -6.93 17.23
N GLN A 239 -7.63 -6.08 16.41
CA GLN A 239 -7.13 -6.44 15.10
C GLN A 239 -6.22 -7.69 15.20
N LEU A 240 -5.30 -7.73 16.20
CA LEU A 240 -4.45 -8.89 16.42
C LEU A 240 -5.28 -10.07 16.92
N VAL A 241 -6.32 -9.82 17.75
CA VAL A 241 -7.21 -10.89 18.19
C VAL A 241 -7.90 -11.53 16.94
N ARG A 242 -8.36 -10.71 15.97
CA ARG A 242 -9.03 -11.17 14.73
C ARG A 242 -8.07 -12.00 13.89
N ILE A 243 -6.77 -11.63 13.87
CA ILE A 243 -5.78 -12.39 13.13
C ILE A 243 -5.59 -13.73 13.86
N ALA A 244 -5.49 -13.68 15.20
CA ALA A 244 -5.26 -14.84 16.09
C ALA A 244 -6.34 -15.88 15.96
N LYS A 245 -7.60 -15.45 15.78
CA LYS A 245 -8.74 -16.34 15.59
C LYS A 245 -8.72 -17.11 14.26
N VAL A 246 -7.81 -16.74 13.32
CA VAL A 246 -7.67 -17.41 12.01
C VAL A 246 -6.34 -18.19 11.94
N LEU A 247 -5.20 -17.48 12.09
CA LEU A 247 -3.86 -18.10 12.07
C LEU A 247 -3.58 -18.94 13.33
N GLY A 248 -4.25 -18.62 14.43
CA GLY A 248 -4.05 -19.32 15.69
C GLY A 248 -3.05 -18.64 16.62
N THR A 249 -3.23 -18.85 17.95
CA THR A 249 -2.39 -18.23 18.96
C THR A 249 -1.02 -18.91 19.08
N GLU A 250 -0.93 -20.23 18.82
CA GLU A 250 0.35 -20.99 18.91
C GLU A 250 1.48 -20.36 18.08
N ASP A 251 1.19 -20.08 16.80
CA ASP A 251 2.14 -19.46 15.89
C ASP A 251 2.43 -18.00 16.26
N LEU A 252 1.49 -17.33 16.93
CA LEU A 252 1.64 -15.95 17.40
C LEU A 252 2.69 -15.92 18.50
N TYR A 253 2.57 -16.82 19.48
CA TYR A 253 3.47 -16.91 20.61
C TYR A 253 4.84 -17.44 20.23
N ASP A 254 4.92 -18.25 19.13
CA ASP A 254 6.17 -18.74 18.57
C ASP A 254 6.89 -17.54 17.94
N TYR A 255 6.12 -16.67 17.22
CA TYR A 255 6.61 -15.43 16.60
C TYR A 255 7.22 -14.49 17.66
N ILE A 256 6.47 -14.20 18.73
CA ILE A 256 6.86 -13.33 19.84
C ILE A 256 8.11 -13.86 20.54
N ASP A 257 8.17 -15.19 20.70
CA ASP A 257 9.27 -15.95 21.32
C ASP A 257 10.52 -15.79 20.45
N LYS A 258 10.36 -16.00 19.11
CA LYS A 258 11.45 -15.92 18.13
C LYS A 258 12.11 -14.56 18.13
N TYR A 259 11.32 -13.49 18.08
CA TYR A 259 11.86 -12.12 18.04
C TYR A 259 12.01 -11.45 19.42
N ASN A 260 11.88 -12.21 20.53
CA ASN A 260 11.98 -11.69 21.90
C ASN A 260 11.13 -10.42 22.08
N ILE A 261 9.86 -10.49 21.62
CA ILE A 261 8.92 -9.38 21.66
C ILE A 261 8.33 -9.21 23.05
N GLU A 262 8.26 -7.96 23.54
CA GLU A 262 7.65 -7.65 24.83
C GLU A 262 6.18 -7.39 24.51
N LEU A 263 5.34 -8.38 24.78
CA LEU A 263 3.91 -8.27 24.49
C LEU A 263 3.20 -7.44 25.53
N ASP A 264 2.52 -6.39 25.04
CA ASP A 264 1.73 -5.45 25.84
C ASP A 264 0.83 -6.24 26.79
N PRO A 265 0.80 -5.89 28.10
CA PRO A 265 -0.06 -6.63 29.06
C PRO A 265 -1.53 -6.76 28.70
N ARG A 266 -2.10 -5.81 27.91
CA ARG A 266 -3.51 -5.84 27.48
C ARG A 266 -3.81 -7.14 26.73
N PHE A 267 -2.83 -7.64 25.98
CA PHE A 267 -2.99 -8.84 25.17
C PHE A 267 -3.19 -10.13 25.96
N ASN A 268 -2.65 -10.20 27.19
CA ASN A 268 -2.75 -11.38 28.06
C ASN A 268 -4.22 -11.84 28.22
N ASP A 269 -5.14 -10.89 28.47
CA ASP A 269 -6.57 -11.25 28.68
C ASP A 269 -7.47 -11.14 27.43
N ILE A 270 -7.01 -10.56 26.31
CA ILE A 270 -7.89 -10.46 25.13
C ILE A 270 -7.55 -11.45 23.99
N LEU A 271 -6.27 -11.83 23.88
CA LEU A 271 -5.78 -12.76 22.83
C LEU A 271 -6.38 -14.16 23.00
N GLY A 272 -6.46 -14.65 24.23
CA GLY A 272 -6.99 -15.96 24.58
C GLY A 272 -6.23 -17.11 23.95
N ARG A 273 -6.95 -18.20 23.69
CA ARG A 273 -6.38 -19.41 23.03
C ARG A 273 -7.28 -19.78 21.85
N HIS A 274 -6.70 -19.89 20.65
CA HIS A 274 -7.42 -20.24 19.43
C HIS A 274 -6.56 -21.13 18.53
N SER A 275 -7.18 -22.19 18.00
CA SER A 275 -6.54 -23.13 17.07
C SER A 275 -6.48 -22.50 15.68
N ARG A 276 -5.63 -23.02 14.79
CA ARG A 276 -5.52 -22.49 13.44
C ARG A 276 -6.72 -22.95 12.60
N LYS A 277 -7.40 -22.01 11.94
CA LYS A 277 -8.54 -22.35 11.09
C LYS A 277 -8.07 -22.46 9.65
N ARG A 278 -8.23 -23.67 9.06
CA ARG A 278 -7.84 -23.99 7.67
C ARG A 278 -8.50 -23.01 6.71
N TRP A 279 -7.75 -22.56 5.66
CA TRP A 279 -8.23 -21.61 4.67
C TRP A 279 -9.52 -22.03 3.99
N GLU A 280 -9.67 -23.35 3.74
CA GLU A 280 -10.85 -23.98 3.11
C GLU A 280 -12.17 -23.68 3.84
N ARG A 281 -12.11 -23.39 5.14
CA ARG A 281 -13.26 -23.06 5.98
C ARG A 281 -13.92 -21.73 5.59
N PHE A 282 -13.20 -20.87 4.86
CA PHE A 282 -13.76 -19.60 4.38
C PHE A 282 -14.42 -19.72 3.00
N VAL A 283 -14.35 -20.91 2.38
CA VAL A 283 -14.94 -21.21 1.06
C VAL A 283 -16.42 -21.60 1.20
N HIS A 284 -17.29 -20.96 0.39
CA HIS A 284 -18.74 -21.21 0.31
C HIS A 284 -19.26 -21.04 -1.15
N SER A 285 -20.55 -21.33 -1.38
CA SER A 285 -21.18 -21.27 -2.71
C SER A 285 -20.94 -19.93 -3.47
N GLU A 286 -21.06 -18.79 -2.77
CA GLU A 286 -20.87 -17.47 -3.38
C GLU A 286 -19.43 -17.13 -3.76
N ASN A 287 -18.42 -17.84 -3.23
CA ASN A 287 -17.02 -17.51 -3.56
C ASN A 287 -16.14 -18.68 -4.11
N GLN A 288 -16.67 -19.92 -4.16
N GLN A 288 -16.69 -19.92 -4.16
CA GLN A 288 -15.93 -21.13 -4.59
CA GLN A 288 -16.02 -21.15 -4.62
C GLN A 288 -15.37 -21.05 -6.03
C GLN A 288 -15.36 -21.01 -6.00
N HIS A 289 -15.94 -20.19 -6.88
CA HIS A 289 -15.46 -19.97 -8.26
C HIS A 289 -14.15 -19.13 -8.30
N LEU A 290 -13.85 -18.41 -7.21
CA LEU A 290 -12.66 -17.56 -7.07
C LEU A 290 -11.53 -18.26 -6.30
N VAL A 291 -11.84 -19.41 -5.70
CA VAL A 291 -10.88 -20.16 -4.90
C VAL A 291 -10.37 -21.37 -5.70
N SER A 292 -9.07 -21.66 -5.51
CA SER A 292 -8.36 -22.79 -6.08
C SER A 292 -7.30 -23.27 -5.07
N PRO A 293 -6.80 -24.53 -5.13
CA PRO A 293 -5.74 -24.94 -4.20
C PRO A 293 -4.44 -24.09 -4.32
N GLU A 294 -4.22 -23.42 -5.48
CA GLU A 294 -3.08 -22.53 -5.71
C GLU A 294 -3.33 -21.20 -5.00
N ALA A 295 -4.56 -20.63 -5.12
CA ALA A 295 -4.96 -19.39 -4.46
C ALA A 295 -4.74 -19.51 -2.96
N LEU A 296 -5.11 -20.67 -2.41
CA LEU A 296 -5.01 -20.98 -0.98
C LEU A 296 -3.58 -21.14 -0.53
N ASP A 297 -2.77 -21.88 -1.32
CA ASP A 297 -1.36 -22.08 -1.04
C ASP A 297 -0.64 -20.73 -1.03
N PHE A 298 -0.92 -19.90 -2.04
CA PHE A 298 -0.36 -18.56 -2.21
C PHE A 298 -0.77 -17.65 -1.02
N LEU A 299 -2.06 -17.63 -0.68
CA LEU A 299 -2.56 -16.86 0.44
C LEU A 299 -1.85 -17.28 1.75
N ASP A 300 -1.70 -18.60 1.97
CA ASP A 300 -1.05 -19.16 3.16
C ASP A 300 0.41 -18.69 3.29
N LYS A 301 1.05 -18.49 2.14
CA LYS A 301 2.44 -18.05 2.06
C LYS A 301 2.62 -16.53 2.23
N LEU A 302 1.51 -15.75 2.21
CA LEU A 302 1.57 -14.28 2.43
C LEU A 302 1.20 -13.89 3.87
N LEU A 303 0.13 -14.49 4.39
CA LEU A 303 -0.45 -14.21 5.69
C LEU A 303 0.20 -15.07 6.74
N ARG A 304 1.42 -14.68 7.12
CA ARG A 304 2.24 -15.35 8.10
C ARG A 304 2.71 -14.33 9.14
N TYR A 305 2.57 -14.65 10.45
CA TYR A 305 2.99 -13.73 11.52
C TYR A 305 4.43 -13.27 11.26
N ASP A 306 5.36 -14.24 11.13
CA ASP A 306 6.79 -14.00 10.88
C ASP A 306 7.02 -13.33 9.55
N HIS A 307 7.35 -12.03 9.61
CA HIS A 307 7.57 -11.23 8.37
C HIS A 307 8.67 -11.81 7.45
N GLN A 308 9.62 -12.53 8.06
CA GLN A 308 10.73 -13.17 7.33
C GLN A 308 10.31 -14.39 6.50
N SER A 309 9.18 -15.03 6.87
N SER A 309 9.20 -15.06 6.86
CA SER A 309 8.62 -16.25 6.27
CA SER A 309 8.73 -16.26 6.17
C SER A 309 7.72 -16.01 5.06
C SER A 309 7.76 -16.01 5.01
N ARG A 310 7.21 -14.77 4.91
CA ARG A 310 6.32 -14.36 3.82
C ARG A 310 7.13 -14.33 2.54
N LEU A 311 6.47 -14.64 1.41
CA LEU A 311 7.05 -14.51 0.10
C LEU A 311 7.46 -13.04 -0.09
N THR A 312 8.53 -12.82 -0.84
CA THR A 312 8.94 -11.50 -1.30
C THR A 312 8.04 -11.22 -2.55
N ALA A 313 7.97 -9.98 -3.03
CA ALA A 313 7.16 -9.68 -4.20
C ALA A 313 7.59 -10.51 -5.43
N ARG A 314 8.93 -10.68 -5.66
CA ARG A 314 9.44 -11.48 -6.76
C ARG A 314 9.16 -12.98 -6.57
N GLU A 315 9.28 -13.50 -5.34
CA GLU A 315 8.93 -14.92 -5.10
C GLU A 315 7.42 -15.15 -5.36
N ALA A 316 6.53 -14.18 -4.96
CA ALA A 316 5.05 -14.28 -5.19
C ALA A 316 4.76 -14.38 -6.68
N MET A 317 5.49 -13.60 -7.48
CA MET A 317 5.43 -13.60 -8.96
C MET A 317 5.69 -14.95 -9.60
N GLU A 318 6.45 -15.81 -8.90
CA GLU A 318 6.83 -17.13 -9.41
C GLU A 318 5.90 -18.25 -8.93
N HIS A 319 4.95 -17.95 -8.03
CA HIS A 319 4.03 -18.94 -7.51
C HIS A 319 3.11 -19.53 -8.60
N PRO A 320 2.80 -20.86 -8.56
CA PRO A 320 1.86 -21.45 -9.53
C PRO A 320 0.52 -20.77 -9.74
N TYR A 321 0.07 -19.93 -8.80
CA TYR A 321 -1.17 -19.15 -8.90
C TYR A 321 -1.11 -18.27 -10.16
N PHE A 322 0.08 -17.73 -10.49
CA PHE A 322 0.22 -16.83 -11.62
C PHE A 322 0.52 -17.54 -12.96
N TYR A 323 0.48 -18.90 -13.00
CA TYR A 323 0.74 -19.64 -14.27
C TYR A 323 -0.27 -19.34 -15.39
N THR A 324 -1.52 -19.04 -15.02
CA THR A 324 -2.62 -18.71 -15.92
C THR A 324 -2.49 -17.28 -16.50
N VAL A 325 -1.61 -16.44 -15.91
CA VAL A 325 -1.45 -15.09 -16.45
C VAL A 325 -0.51 -15.19 -17.64
N VAL A 326 -1.04 -15.12 -18.86
CA VAL A 326 -0.23 -15.28 -20.05
C VAL A 326 0.42 -13.96 -20.48
N LYS A 327 1.75 -13.84 -20.30
CA LYS A 327 2.58 -12.67 -20.61
C LYS A 327 2.64 -12.36 -22.10
C ACE B 1 -9.47 35.71 -6.43
O ACE B 1 -9.81 36.83 -6.03
CH3 ACE B 1 -8.27 35.51 -7.31
N GLY B 2 -10.15 34.61 -6.09
CA GLY B 2 -11.32 34.65 -5.24
C GLY B 2 -12.47 33.74 -5.59
N GLY B 3 -12.49 33.23 -6.83
CA GLY B 3 -13.33 32.08 -7.19
C GLY B 3 -12.48 30.83 -7.57
N ARG B 4 -11.14 31.02 -7.50
CA ARG B 4 -9.93 30.22 -7.28
C ARG B 4 -10.00 29.37 -6.02
N LEU B 5 -9.72 28.06 -6.15
CA LEU B 5 -9.69 27.12 -5.03
C LEU B 5 -8.25 26.63 -4.86
N TYR B 6 -7.61 27.05 -3.74
CA TYR B 6 -6.22 26.78 -3.36
C TYR B 6 -5.23 27.31 -4.43
N GLY B 7 -5.59 28.46 -5.03
CA GLY B 7 -4.81 29.12 -6.07
C GLY B 7 -5.16 28.75 -7.49
N PHE B 8 -5.90 27.63 -7.68
CA PHE B 8 -6.32 27.13 -8.99
C PHE B 8 -7.62 27.72 -9.45
N LYS B 9 -7.67 28.16 -10.72
CA LYS B 9 -8.90 28.64 -11.34
C LYS B 9 -9.78 27.39 -11.59
N ILE B 10 -11.09 27.58 -11.66
CA ILE B 10 -12.04 26.49 -11.92
C ILE B 10 -12.34 26.45 -13.41
N HIS B 11 -12.22 25.26 -13.99
CA HIS B 11 -12.42 25.05 -15.45
C HIS B 11 -13.91 24.90 -15.74
N GLY B 12 -14.21 25.56 -16.76
CA GLY B 12 -15.53 25.20 -17.34
C GLY B 12 -15.47 24.93 -18.88
N GLY B 13 -15.52 23.65 -19.25
CA GLY B 13 -15.85 23.24 -20.61
C GLY B 13 -14.71 23.35 -21.61
N GLY B 14 -14.45 22.23 -22.29
CA GLY B 14 -13.97 22.26 -23.66
C GLY B 14 -15.08 22.52 -24.65
N NH2 B 15 -15.78 21.48 -25.06
C BEZ C . -2.12 9.70 -4.92
O1 BEZ C . -2.48 9.96 -3.77
O2 BEZ C . -0.90 9.33 -5.25
C1 BEZ C . -3.08 9.80 -6.07
C2 BEZ C . -4.41 10.13 -5.86
C3 BEZ C . -5.32 10.12 -6.91
C4 BEZ C . -4.90 9.81 -8.19
C5 BEZ C . -3.57 9.53 -8.42
C6 BEZ C . -2.66 9.51 -7.37
N3 A1H27 D . -16.59 29.74 -7.95
C5 A1H27 D . -14.37 32.45 -8.25
C6 A1H27 D . -15.37 30.56 -9.60
C8 A1H27 D . -16.81 28.47 -10.09
N10 A1H27 D . -15.84 27.97 -15.55
C11 A1H27 D . -17.98 26.51 -11.68
C12 A1H27 D . -17.05 27.40 -12.24
C14 A1H27 D . -16.73 27.34 -13.67
C15 A1H27 D . -17.09 26.42 -14.62
C16 A1H27 D . -16.61 26.24 -17.08
N2 A1H27 D . -15.23 31.30 -8.48
O6 A1H27 D . -19.74 24.73 -10.54
C10 A1H27 D . -18.33 26.61 -10.33
C13 A1H27 D . -16.45 28.37 -11.42
C9 A1H27 D . -17.73 27.59 -9.53
C7 A1H27 D . -16.24 29.56 -9.26
O5 A1H27 D . -19.65 25.74 -8.56
N4 A1H27 D . -15.99 30.80 -7.48
N5 A1H27 D . -16.53 26.84 -15.75
N11 A1H27 D . -15.95 28.28 -14.28
C23 A1H27 D . -19.29 25.65 -9.74
#